data_8ZMH
#
_entry.id   8ZMH
#
_entity_poly.entity_id   1
_entity_poly.type   'polyribonucleotide'
_entity_poly.pdbx_seq_one_letter_code
;CGUGGUUGACACGCAGACCUCUUACAAGAGUGUCUAGGUGCCUUUGAGAGUUACUCUUUGCUCUCUUCGGAAGAACCCUU
AGGGGUUCGUGCAUGGGCUUGCAUAGCAAGUCUUAGAAUGCGGGUACCGUACAGUGUUGAAAAACACUGUAAAUCUCUAA
AAGAGACCA
;
_entity_poly.pdbx_strand_id   A
#
loop_
_chem_comp.id
_chem_comp.type
_chem_comp.name
_chem_comp.formula
A RNA linking ADENOSINE-5'-MONOPHOSPHATE 'C10 H14 N5 O7 P'
C RNA linking CYTIDINE-5'-MONOPHOSPHATE 'C9 H14 N3 O8 P'
G RNA linking GUANOSINE-5'-MONOPHOSPHATE 'C10 H14 N5 O8 P'
U RNA linking URIDINE-5'-MONOPHOSPHATE 'C9 H13 N2 O9 P'
#